data_3AWN
#
_entry.id   3AWN
#
_cell.length_a   105.329
_cell.length_b   105.329
_cell.length_c   82.018
_cell.angle_alpha   90.00
_cell.angle_beta   90.00
_cell.angle_gamma   90.00
#
_symmetry.space_group_name_H-M   'P 4 2 2'
#
loop_
_entity.id
_entity.type
_entity.pdbx_description
1 polymer 'D-serine dehydratase'
2 non-polymer "PYRIDOXAL-5'-PHOSPHATE"
#
_entity_poly.entity_id   1
_entity_poly.type   'polypeptide(L)'
_entity_poly.pdbx_seq_one_letter_code
;MWLGALLDTLPTPALTIDRTTARRNAERMRERCRALGVRLRPHVKTHKTLEGGLLATGGTRRGIAVSTLAEARFFADGGF
DDILLAYPVPTARLEECAGLARRLDAFHVLLDRPEALASLRQRPLGHGKRWLVWLKLDCGNGRAGVRPTDPAALELAQAI
ANDAPEEVTLVGVYAHCGNTYGCSGADTIQAIARTTTNAVLSFVAALRQAGVPCPQASIGSTPSCSHPIPEMSQLTELHP
GNYIFYDLQQTQLGSCQPQDVAIRVLTRVIGHYAHRGQLLVDCGWAALSLHGAGAGQGPQGCAAIDGHPELRLVGLTQEH
GLLEHAGGQMDFGRFPVGSVLALIPYHACATAAMHPVYYVHEEGKVVALWHPVRGW
;
_entity_poly.pdbx_strand_id   A
#
loop_
_chem_comp.id
_chem_comp.type
_chem_comp.name
_chem_comp.formula
PLP non-polymer PYRIDOXAL-5'-PHOSPHATE 'C8 H10 N O6 P'
#
# COMPACT_ATOMS: atom_id res chain seq x y z
N MET A 1 10.18 -10.91 23.77
CA MET A 1 9.90 -11.90 22.67
C MET A 1 8.71 -12.82 23.04
N TRP A 2 7.75 -12.98 22.12
CA TRP A 2 6.45 -13.53 22.47
C TRP A 2 5.98 -14.72 21.63
N LEU A 3 6.89 -15.44 20.98
CA LEU A 3 6.47 -16.62 20.22
C LEU A 3 5.48 -17.47 21.01
N GLY A 4 4.44 -17.94 20.35
CA GLY A 4 3.52 -18.90 20.94
C GLY A 4 2.51 -18.29 21.90
N ALA A 5 2.77 -17.08 22.36
CA ALA A 5 1.89 -16.45 23.34
C ALA A 5 0.44 -16.34 22.87
N LEU A 6 -0.49 -16.44 23.81
CA LEU A 6 -1.89 -16.23 23.49
C LEU A 6 -2.15 -14.73 23.31
N LEU A 7 -2.95 -14.38 22.31
CA LEU A 7 -3.25 -13.01 21.91
C LEU A 7 -3.60 -12.05 23.05
N ASP A 8 -4.61 -12.42 23.83
CA ASP A 8 -5.00 -11.53 24.91
C ASP A 8 -4.00 -11.58 26.09
N THR A 9 -2.75 -11.97 25.80
CA THR A 9 -1.64 -11.93 26.75
C THR A 9 -0.68 -10.79 26.43
N LEU A 10 -0.74 -10.30 25.21
CA LEU A 10 0.16 -9.25 24.72
C LEU A 10 -0.01 -7.93 25.49
N PRO A 11 1.08 -7.13 25.59
CA PRO A 11 0.98 -5.77 26.11
C PRO A 11 0.25 -4.85 25.11
N THR A 12 -0.95 -4.38 25.43
CA THR A 12 -1.69 -3.53 24.48
C THR A 12 -1.33 -2.09 24.75
N PRO A 13 -1.66 -1.19 23.81
CA PRO A 13 -2.27 -1.47 22.49
C PRO A 13 -1.27 -2.20 21.61
N ALA A 14 -1.76 -3.08 20.75
CA ALA A 14 -0.86 -3.93 20.01
C ALA A 14 -1.47 -4.20 18.65
N LEU A 15 -0.70 -3.95 17.59
CA LEU A 15 -1.17 -4.17 16.24
C LEU A 15 -1.01 -5.65 15.96
N THR A 16 -2.02 -6.27 15.38
CA THR A 16 -2.01 -7.70 15.15
C THR A 16 -2.31 -8.04 13.68
N ILE A 17 -1.61 -9.03 13.18
CA ILE A 17 -1.85 -9.48 11.83
C ILE A 17 -2.11 -10.99 11.84
N ASP A 18 -3.28 -11.37 11.31
CA ASP A 18 -3.69 -12.76 11.13
C ASP A 18 -2.92 -13.30 9.97
N ARG A 19 -1.91 -14.14 10.22
CA ARG A 19 -1.06 -14.56 9.12
C ARG A 19 -1.84 -15.43 8.15
N THR A 20 -2.81 -16.18 8.66
CA THR A 20 -3.67 -16.93 7.75
C THR A 20 -4.30 -16.00 6.73
N THR A 21 -4.98 -14.97 7.21
CA THR A 21 -5.71 -14.00 6.39
C THR A 21 -4.77 -13.29 5.42
N ALA A 22 -3.57 -12.99 5.90
CA ALA A 22 -2.59 -12.30 5.08
C ALA A 22 -2.10 -13.17 3.92
N ARG A 23 -1.72 -14.41 4.24
CA ARG A 23 -1.23 -15.34 3.23
C ARG A 23 -2.34 -15.51 2.21
N ARG A 24 -3.55 -15.71 2.71
CA ARG A 24 -4.72 -15.84 1.87
C ARG A 24 -4.88 -14.63 0.96
N ASN A 25 -4.78 -13.44 1.54
CA ASN A 25 -4.79 -12.22 0.74
C ASN A 25 -3.71 -12.16 -0.33
N ALA A 26 -2.50 -12.62 0.00
CA ALA A 26 -1.41 -12.55 -0.94
C ALA A 26 -1.70 -13.48 -2.11
N GLU A 27 -1.97 -14.74 -1.79
CA GLU A 27 -2.23 -15.73 -2.84
C GLU A 27 -3.45 -15.35 -3.68
N ARG A 28 -4.48 -14.80 -3.06
CA ARG A 28 -5.62 -14.41 -3.85
C ARG A 28 -5.21 -13.40 -4.93
N MET A 29 -4.46 -12.36 -4.54
CA MET A 29 -4.09 -11.39 -5.57
C MET A 29 -3.13 -11.98 -6.61
N ARG A 30 -2.25 -12.89 -6.19
CA ARG A 30 -1.38 -13.60 -7.12
C ARG A 30 -2.19 -14.36 -8.15
N GLU A 31 -3.30 -14.96 -7.71
CA GLU A 31 -4.10 -15.77 -8.63
C GLU A 31 -4.86 -14.89 -9.62
N ARG A 32 -5.43 -13.80 -9.11
CA ARG A 32 -6.13 -12.85 -9.99
C ARG A 32 -5.22 -12.45 -11.14
N CYS A 33 -3.99 -12.08 -10.81
CA CYS A 33 -3.03 -11.73 -11.85
C CYS A 33 -2.77 -12.92 -12.77
N ARG A 34 -2.52 -14.09 -12.19
CA ARG A 34 -2.36 -15.29 -13.00
C ARG A 34 -3.57 -15.38 -13.94
N ALA A 35 -4.77 -15.19 -13.40
CA ALA A 35 -5.97 -15.35 -14.23
C ALA A 35 -5.94 -14.37 -15.39
N LEU A 36 -5.61 -13.10 -15.09
CA LEU A 36 -5.55 -12.06 -16.12
C LEU A 36 -4.32 -12.19 -17.04
N GLY A 37 -3.41 -13.07 -16.70
CA GLY A 37 -2.18 -13.17 -17.47
C GLY A 37 -1.28 -11.95 -17.39
N VAL A 38 -1.19 -11.32 -16.23
CA VAL A 38 -0.28 -10.19 -16.06
C VAL A 38 0.60 -10.40 -14.82
N ARG A 39 1.64 -9.58 -14.68
CA ARG A 39 2.54 -9.70 -13.54
C ARG A 39 2.06 -8.84 -12.35
N LEU A 40 2.31 -9.31 -11.13
CA LEU A 40 1.97 -8.55 -9.93
C LEU A 40 3.20 -7.89 -9.28
N ARG A 41 3.20 -6.57 -9.20
CA ARG A 41 4.22 -5.90 -8.42
C ARG A 41 3.59 -5.23 -7.19
N PRO A 42 3.54 -5.94 -6.07
CA PRO A 42 2.90 -5.46 -4.85
C PRO A 42 3.60 -4.25 -4.29
N HIS A 43 2.83 -3.24 -3.89
CA HIS A 43 3.35 -2.07 -3.18
C HIS A 43 3.49 -2.40 -1.69
N VAL A 44 4.60 -2.02 -1.08
CA VAL A 44 4.87 -2.44 0.31
C VAL A 44 4.51 -1.44 1.41
N LYS A 45 3.92 -0.32 1.04
CA LYS A 45 3.75 0.76 2.04
C LYS A 45 2.77 0.51 3.17
N THR A 46 1.88 -0.45 3.03
CA THR A 46 1.01 -0.75 4.17
C THR A 46 1.73 -1.48 5.28
N HIS A 47 2.86 -2.09 5.00
CA HIS A 47 3.46 -2.84 6.07
C HIS A 47 4.93 -2.51 6.22
N LYS A 48 5.58 -2.19 5.11
CA LYS A 48 7.00 -1.90 5.10
C LYS A 48 7.81 -2.96 5.84
N THR A 49 7.51 -4.23 5.59
CA THR A 49 8.21 -5.32 6.25
C THR A 49 8.75 -6.33 5.25
N LEU A 50 9.94 -6.85 5.54
CA LEU A 50 10.55 -7.92 4.74
C LEU A 50 9.61 -9.11 4.68
N GLU A 51 9.09 -9.50 5.83
CA GLU A 51 8.17 -10.60 5.90
C GLU A 51 6.97 -10.26 5.04
N GLY A 52 6.40 -9.08 5.26
CA GLY A 52 5.29 -8.61 4.45
C GLY A 52 5.59 -8.79 2.98
N GLY A 53 6.70 -8.18 2.52
CA GLY A 53 7.11 -8.28 1.11
C GLY A 53 7.25 -9.71 0.64
N LEU A 54 7.90 -10.53 1.45
CA LEU A 54 8.02 -11.96 1.18
C LEU A 54 6.65 -12.60 0.89
N LEU A 55 5.64 -12.35 1.70
CA LEU A 55 4.33 -12.90 1.38
C LEU A 55 3.87 -12.39 0.04
N ALA A 56 3.86 -11.08 -0.11
CA ALA A 56 3.19 -10.49 -1.26
C ALA A 56 3.76 -11.11 -2.50
N THR A 57 5.05 -11.36 -2.43
CA THR A 57 5.90 -11.62 -3.58
C THR A 57 5.99 -13.12 -3.82
N GLY A 58 5.25 -13.87 -3.01
CA GLY A 58 5.16 -15.31 -3.14
C GLY A 58 6.41 -16.08 -2.75
N GLY A 59 7.33 -15.44 -2.05
CA GLY A 59 8.52 -16.12 -1.59
C GLY A 59 9.70 -15.73 -2.45
N THR A 60 9.45 -15.00 -3.54
CA THR A 60 10.50 -14.75 -4.54
C THR A 60 11.40 -13.59 -4.18
N ARG A 61 10.92 -12.63 -3.39
CA ARG A 61 11.73 -11.45 -3.11
C ARG A 61 12.13 -10.62 -4.33
N ARG A 62 11.30 -10.59 -5.37
CA ARG A 62 11.58 -9.73 -6.54
C ARG A 62 10.30 -9.07 -7.05
N GLY A 63 10.41 -7.84 -7.52
CA GLY A 63 9.27 -7.15 -8.12
C GLY A 63 8.30 -6.57 -7.10
N ILE A 64 8.62 -5.38 -6.60
CA ILE A 64 7.78 -4.69 -5.64
C ILE A 64 7.88 -3.22 -5.91
N ALA A 65 7.08 -2.46 -5.18
CA ALA A 65 7.05 -1.00 -5.29
C ALA A 65 7.15 -0.38 -3.90
N VAL A 66 7.97 0.67 -3.76
CA VAL A 66 8.19 1.24 -2.44
C VAL A 66 7.82 2.74 -2.49
N SER A 67 7.56 3.37 -1.34
CA SER A 67 7.21 4.79 -1.39
C SER A 67 8.31 5.74 -0.94
N THR A 68 9.43 5.20 -0.47
CA THR A 68 10.51 6.01 0.11
C THR A 68 11.85 5.35 -0.10
N LEU A 69 12.91 6.16 -0.08
CA LEU A 69 14.25 5.64 -0.29
C LEU A 69 14.65 4.78 0.89
N ALA A 70 14.11 5.10 2.07
CA ALA A 70 14.20 4.21 3.22
C ALA A 70 13.71 2.79 2.88
N GLU A 71 12.50 2.65 2.33
CA GLU A 71 12.04 1.31 2.04
C GLU A 71 12.94 0.71 0.98
N ALA A 72 13.27 1.49 -0.05
CA ALA A 72 14.15 0.98 -1.11
C ALA A 72 15.39 0.31 -0.50
N ARG A 73 16.12 1.08 0.30
CA ARG A 73 17.30 0.63 1.01
C ARG A 73 17.06 -0.63 1.85
N PHE A 74 16.07 -0.55 2.74
CA PHE A 74 15.62 -1.69 3.55
C PHE A 74 15.41 -2.91 2.68
N PHE A 75 14.61 -2.76 1.66
CA PHE A 75 14.34 -3.93 0.87
C PHE A 75 15.60 -4.45 0.16
N ALA A 76 16.43 -3.52 -0.30
CA ALA A 76 17.63 -3.90 -1.00
C ALA A 76 18.55 -4.61 0.00
N ASP A 77 18.64 -4.08 1.21
CA ASP A 77 19.49 -4.71 2.23
C ASP A 77 18.97 -6.12 2.63
N GLY A 78 17.73 -6.44 2.28
CA GLY A 78 17.10 -7.67 2.74
C GLY A 78 17.09 -8.68 1.61
N GLY A 79 17.74 -8.31 0.50
CA GLY A 79 17.89 -9.21 -0.64
C GLY A 79 16.87 -9.08 -1.76
N PHE A 80 16.00 -8.08 -1.71
CA PHE A 80 15.03 -7.89 -2.79
C PHE A 80 15.67 -7.23 -3.98
N ASP A 81 15.07 -7.38 -5.16
CA ASP A 81 15.53 -6.66 -6.34
C ASP A 81 14.33 -6.44 -7.25
N ASP A 82 14.52 -5.80 -8.41
CA ASP A 82 13.36 -5.42 -9.18
C ASP A 82 12.43 -4.65 -8.28
N ILE A 83 12.97 -3.54 -7.79
CA ILE A 83 12.31 -2.68 -6.85
C ILE A 83 11.95 -1.38 -7.54
N LEU A 84 10.66 -1.07 -7.62
CA LEU A 84 10.22 0.19 -8.24
C LEU A 84 9.97 1.23 -7.19
N LEU A 85 10.68 2.37 -7.29
CA LEU A 85 10.42 3.50 -6.40
C LEU A 85 9.25 4.31 -6.97
N ALA A 86 8.05 4.04 -6.45
CA ALA A 86 6.80 4.52 -7.06
C ALA A 86 6.53 5.92 -6.64
N TYR A 87 7.24 6.85 -7.24
CA TYR A 87 7.29 8.18 -6.71
C TYR A 87 8.06 9.02 -7.69
N PRO A 88 7.64 10.27 -7.89
CA PRO A 88 8.38 11.05 -8.89
C PRO A 88 9.83 11.15 -8.46
N VAL A 89 10.75 10.69 -9.30
CA VAL A 89 12.13 10.50 -8.86
C VAL A 89 12.63 11.75 -8.14
N PRO A 90 13.13 11.60 -6.91
CA PRO A 90 13.54 12.78 -6.13
C PRO A 90 14.88 13.31 -6.60
N THR A 91 14.86 14.37 -7.39
CA THR A 91 16.10 14.92 -7.96
C THR A 91 17.10 15.39 -6.91
N ALA A 92 16.61 15.80 -5.74
CA ALA A 92 17.54 16.23 -4.68
C ALA A 92 18.24 15.08 -3.92
N ARG A 93 17.97 13.84 -4.30
CA ARG A 93 18.60 12.69 -3.64
C ARG A 93 19.16 11.73 -4.68
N LEU A 94 19.71 12.28 -5.77
CA LEU A 94 20.14 11.41 -6.86
C LEU A 94 21.36 10.56 -6.53
N GLU A 95 22.26 11.07 -5.71
CA GLU A 95 23.39 10.23 -5.36
C GLU A 95 22.86 8.93 -4.80
N GLU A 96 21.82 8.98 -3.97
CA GLU A 96 21.25 7.73 -3.41
C GLU A 96 20.55 6.86 -4.46
N CYS A 97 19.72 7.45 -5.31
CA CYS A 97 19.04 6.65 -6.31
C CYS A 97 20.08 5.91 -7.15
N ALA A 98 21.13 6.63 -7.53
CA ALA A 98 22.22 6.04 -8.32
C ALA A 98 22.88 4.90 -7.57
N GLY A 99 23.17 5.16 -6.29
CA GLY A 99 23.65 4.12 -5.41
C GLY A 99 22.87 2.81 -5.53
N LEU A 100 21.54 2.88 -5.52
CA LEU A 100 20.73 1.67 -5.50
C LEU A 100 20.66 1.08 -6.90
N ALA A 101 20.58 1.96 -7.89
CA ALA A 101 20.59 1.50 -9.26
C ALA A 101 21.86 0.68 -9.54
N ARG A 102 22.96 1.07 -8.92
CA ARG A 102 24.25 0.34 -9.08
C ARG A 102 24.33 -1.00 -8.33
N ARG A 103 23.75 -1.07 -7.13
CA ARG A 103 23.68 -2.35 -6.42
C ARG A 103 22.74 -3.34 -7.10
N LEU A 104 21.67 -2.85 -7.71
CA LEU A 104 20.57 -3.73 -8.08
C LEU A 104 20.53 -4.06 -9.55
N ASP A 105 20.17 -5.29 -9.87
CA ASP A 105 19.94 -5.62 -11.25
C ASP A 105 18.86 -4.73 -11.84
N ALA A 106 17.80 -4.50 -11.07
CA ALA A 106 16.70 -3.67 -11.55
C ALA A 106 16.14 -2.73 -10.47
N PHE A 107 16.50 -1.46 -10.57
CA PHE A 107 15.89 -0.43 -9.74
C PHE A 107 15.20 0.53 -10.68
N HIS A 108 13.89 0.72 -10.50
CA HIS A 108 13.13 1.51 -11.45
C HIS A 108 12.75 2.84 -10.84
N VAL A 109 12.68 3.88 -11.65
CA VAL A 109 12.20 5.12 -11.12
C VAL A 109 11.10 5.65 -12.00
N LEU A 110 10.35 6.63 -11.47
CA LEU A 110 9.27 7.25 -12.19
C LEU A 110 9.66 8.70 -12.35
N LEU A 111 9.18 9.34 -13.42
CA LEU A 111 9.15 10.78 -13.48
C LEU A 111 8.04 11.34 -14.35
N ASP A 112 7.76 12.62 -14.19
CA ASP A 112 6.66 13.20 -14.92
C ASP A 112 6.95 14.63 -15.43
N ARG A 113 8.21 15.07 -15.34
CA ARG A 113 8.65 16.40 -15.78
C ARG A 113 9.94 16.34 -16.61
N PRO A 114 9.98 17.03 -17.77
CA PRO A 114 11.22 17.03 -18.57
C PRO A 114 12.45 17.35 -17.73
N GLU A 115 12.34 18.27 -16.79
CA GLU A 115 13.52 18.66 -16.00
C GLU A 115 14.12 17.48 -15.26
N ALA A 116 13.28 16.54 -14.85
CA ALA A 116 13.71 15.36 -14.12
C ALA A 116 14.62 14.51 -15.01
N LEU A 117 14.21 14.40 -16.27
CA LEU A 117 15.04 13.73 -17.24
C LEU A 117 16.38 14.44 -17.36
N ALA A 118 16.36 15.77 -17.36
CA ALA A 118 17.63 16.49 -17.47
C ALA A 118 18.53 16.05 -16.34
N SER A 119 18.00 16.12 -15.13
CA SER A 119 18.76 15.83 -13.93
C SER A 119 19.36 14.43 -13.97
N LEU A 120 18.64 13.47 -14.55
CA LEU A 120 19.12 12.12 -14.65
C LEU A 120 20.27 12.12 -15.61
N ARG A 121 20.11 12.86 -16.70
CA ARG A 121 21.11 12.89 -17.76
C ARG A 121 22.45 13.43 -17.22
N GLN A 122 22.38 14.39 -16.32
CA GLN A 122 23.63 14.87 -15.75
C GLN A 122 24.13 14.05 -14.55
N ARG A 123 23.41 12.99 -14.18
CA ARG A 123 23.98 12.01 -13.26
C ARG A 123 23.92 10.64 -13.92
N PRO A 124 24.74 10.44 -14.97
CA PRO A 124 24.74 9.16 -15.64
C PRO A 124 25.13 8.09 -14.64
N LEU A 125 24.58 6.90 -14.76
CA LEU A 125 24.88 5.87 -13.80
C LEU A 125 26.25 5.27 -13.99
N GLY A 126 26.75 5.29 -15.23
CA GLY A 126 27.96 4.54 -15.58
C GLY A 126 27.79 3.04 -15.49
N HIS A 127 28.89 2.31 -15.61
CA HIS A 127 28.89 0.84 -15.49
C HIS A 127 27.88 0.17 -16.40
N GLY A 128 27.63 0.77 -17.55
CA GLY A 128 26.75 0.16 -18.54
C GLY A 128 25.29 0.14 -18.16
N LYS A 129 25.01 0.45 -16.89
CA LYS A 129 23.66 0.50 -16.38
C LYS A 129 22.90 1.73 -16.91
N ARG A 130 21.63 1.55 -17.26
CA ARG A 130 20.80 2.68 -17.65
C ARG A 130 19.71 2.92 -16.62
N TRP A 131 19.38 4.18 -16.41
CA TRP A 131 18.26 4.55 -15.57
C TRP A 131 16.98 3.91 -16.13
N LEU A 132 16.36 3.02 -15.37
CA LEU A 132 15.13 2.39 -15.80
C LEU A 132 13.99 3.34 -15.46
N VAL A 133 13.42 3.99 -16.46
CA VAL A 133 12.45 5.04 -16.21
C VAL A 133 11.03 4.70 -16.65
N TRP A 134 10.08 4.99 -15.77
CA TRP A 134 8.69 4.85 -16.14
C TRP A 134 8.04 6.23 -16.16
N LEU A 135 7.13 6.43 -17.10
CA LEU A 135 6.40 7.68 -17.20
C LEU A 135 5.09 7.61 -16.43
N LYS A 136 5.00 8.35 -15.33
CA LYS A 136 3.80 8.39 -14.51
C LYS A 136 2.71 9.11 -15.28
N LEU A 137 1.66 8.40 -15.65
CA LEU A 137 0.56 9.07 -16.29
C LEU A 137 -0.45 9.43 -15.23
N ASP A 138 -0.87 10.69 -15.26
CA ASP A 138 -2.06 11.13 -14.52
C ASP A 138 -3.30 10.84 -15.35
N CYS A 139 -4.08 9.85 -14.96
CA CYS A 139 -5.36 9.69 -15.62
C CYS A 139 -6.46 10.28 -14.74
N GLY A 142 -6.02 11.89 -9.79
CA GLY A 142 -5.48 13.12 -10.34
C GLY A 142 -4.54 13.87 -9.41
N ARG A 143 -3.58 13.14 -8.83
CA ARG A 143 -2.60 13.70 -7.88
C ARG A 143 -1.28 14.21 -8.54
N ALA A 144 -0.63 13.34 -9.33
CA ALA A 144 0.62 13.68 -10.05
C ALA A 144 0.73 13.00 -11.44
N GLY A 145 1.86 13.22 -12.13
CA GLY A 145 2.08 12.66 -13.47
C GLY A 145 1.66 13.58 -14.61
N VAL A 146 1.82 13.10 -15.83
CA VAL A 146 1.35 13.84 -17.00
C VAL A 146 0.04 13.27 -17.53
N ARG A 147 -0.80 14.15 -18.05
CA ARG A 147 -2.03 13.74 -18.70
C ARG A 147 -1.74 13.20 -20.10
N PRO A 148 -2.26 12.01 -20.40
CA PRO A 148 -2.03 11.31 -21.67
C PRO A 148 -2.52 12.01 -22.95
N THR A 149 -3.35 13.03 -22.82
CA THR A 149 -3.92 13.73 -23.97
C THR A 149 -3.13 15.02 -24.21
N ASP A 150 -2.43 15.45 -23.17
CA ASP A 150 -1.49 16.54 -23.26
C ASP A 150 -0.35 16.10 -24.19
N PRO A 151 -0.17 16.81 -25.32
CA PRO A 151 0.87 16.35 -26.26
C PRO A 151 2.27 16.37 -25.63
N ALA A 152 2.39 17.06 -24.51
CA ALA A 152 3.63 17.08 -23.75
C ALA A 152 4.02 15.69 -23.23
N ALA A 153 3.04 14.83 -23.02
CA ALA A 153 3.30 13.52 -22.45
C ALA A 153 4.02 12.67 -23.47
N LEU A 154 3.48 12.74 -24.68
CA LEU A 154 4.08 12.12 -25.85
C LEU A 154 5.51 12.57 -26.04
N GLU A 155 5.77 13.87 -25.94
CA GLU A 155 7.11 14.36 -26.20
C GLU A 155 8.08 13.80 -25.16
N LEU A 156 7.59 13.69 -23.93
CA LEU A 156 8.41 13.28 -22.80
C LEU A 156 8.70 11.78 -22.90
N ALA A 157 7.68 11.02 -23.22
CA ALA A 157 7.90 9.61 -23.49
C ALA A 157 8.99 9.51 -24.56
N GLN A 158 8.74 10.12 -25.71
CA GLN A 158 9.72 10.21 -26.77
C GLN A 158 11.14 10.43 -26.26
N ALA A 159 11.34 11.42 -25.39
CA ALA A 159 12.67 11.71 -24.90
C ALA A 159 13.20 10.59 -24.00
N ILE A 160 12.45 10.21 -22.98
CA ILE A 160 12.93 9.16 -22.11
C ILE A 160 13.36 7.94 -22.93
N ALA A 161 12.59 7.59 -23.94
CA ALA A 161 12.82 6.35 -24.67
C ALA A 161 14.06 6.40 -25.55
N ASN A 162 14.31 7.58 -26.12
CA ASN A 162 15.14 7.67 -27.32
C ASN A 162 16.28 8.69 -27.31
N ASP A 163 16.15 9.74 -26.51
CA ASP A 163 17.11 10.82 -26.60
C ASP A 163 18.50 10.42 -26.10
N ALA A 164 18.58 9.34 -25.34
CA ALA A 164 19.88 8.92 -24.80
C ALA A 164 19.81 7.47 -24.38
N PRO A 165 19.65 6.56 -25.35
CA PRO A 165 19.30 5.17 -25.09
C PRO A 165 20.43 4.38 -24.43
N GLU A 166 21.58 5.02 -24.29
CA GLU A 166 22.72 4.38 -23.62
C GLU A 166 22.80 4.74 -22.15
N GLU A 167 21.93 5.64 -21.70
CA GLU A 167 22.01 6.11 -20.34
C GLU A 167 20.66 6.07 -19.65
N VAL A 168 19.62 6.10 -20.47
CA VAL A 168 18.25 6.14 -19.99
C VAL A 168 17.34 5.30 -20.87
N THR A 169 16.44 4.55 -20.25
CA THR A 169 15.49 3.80 -21.03
C THR A 169 14.08 3.91 -20.46
N LEU A 170 13.08 3.88 -21.34
CA LEU A 170 11.70 3.90 -20.90
C LEU A 170 11.18 2.48 -20.74
N VAL A 171 11.07 2.04 -19.49
CA VAL A 171 10.55 0.70 -19.22
C VAL A 171 9.05 0.56 -19.52
N GLY A 172 8.25 1.58 -19.23
CA GLY A 172 6.79 1.48 -19.43
C GLY A 172 6.06 2.72 -18.97
N VAL A 173 4.75 2.66 -18.92
CA VAL A 173 3.99 3.76 -18.33
C VAL A 173 3.28 3.28 -17.08
N TYR A 174 3.13 4.20 -16.13
CA TYR A 174 2.69 3.90 -14.79
C TYR A 174 1.59 4.86 -14.36
N ALA A 175 0.43 4.31 -14.02
CA ALA A 175 -0.62 5.09 -13.39
C ALA A 175 -1.09 4.40 -12.12
N HIS A 176 -1.55 5.20 -11.17
CA HIS A 176 -2.15 4.69 -9.96
C HIS A 176 -3.56 5.26 -9.87
N CYS A 177 -4.56 4.41 -10.07
CA CYS A 177 -5.94 4.84 -10.02
C CYS A 177 -6.41 5.00 -8.57
N GLY A 178 -5.71 5.86 -7.83
CA GLY A 178 -6.09 6.15 -6.45
C GLY A 178 -7.44 6.82 -6.33
N ASN A 179 -7.96 7.35 -7.45
CA ASN A 179 -9.19 8.14 -7.42
C ASN A 179 -10.34 7.28 -6.91
N THR A 180 -10.12 5.97 -6.92
CA THR A 180 -11.17 5.03 -6.53
C THR A 180 -11.52 5.10 -5.06
N TYR A 181 -10.94 6.06 -4.36
CA TYR A 181 -11.06 6.14 -2.90
C TYR A 181 -12.18 7.07 -2.48
N GLY A 182 -12.62 7.94 -3.39
CA GLY A 182 -13.77 8.81 -3.17
C GLY A 182 -15.07 8.13 -3.58
N CYS A 183 -14.95 7.01 -4.27
CA CYS A 183 -16.11 6.29 -4.78
C CYS A 183 -16.87 5.58 -3.70
N SER A 184 -17.56 4.51 -4.09
CA SER A 184 -18.47 3.83 -3.18
C SER A 184 -19.21 2.74 -3.95
N GLY A 185 -18.87 1.49 -3.69
CA GLY A 185 -19.49 0.36 -4.39
C GLY A 185 -18.70 -0.04 -5.61
N ALA A 186 -18.80 -1.31 -6.00
CA ALA A 186 -17.98 -1.89 -7.08
C ALA A 186 -18.06 -1.28 -8.48
N ASP A 187 -19.14 -0.56 -8.82
CA ASP A 187 -19.33 -0.20 -10.21
C ASP A 187 -18.58 1.08 -10.53
N THR A 188 -18.43 1.95 -9.54
CA THR A 188 -17.73 3.20 -9.79
C THR A 188 -16.23 3.02 -9.67
N ILE A 189 -15.83 2.10 -8.78
CA ILE A 189 -14.48 1.55 -8.73
C ILE A 189 -14.08 1.06 -10.13
N GLN A 190 -14.91 0.18 -10.69
CA GLN A 190 -14.64 -0.36 -12.01
C GLN A 190 -14.66 0.69 -13.12
N ALA A 191 -15.45 1.74 -12.96
CA ALA A 191 -15.47 2.74 -14.00
C ALA A 191 -14.17 3.52 -13.96
N ILE A 192 -13.70 3.84 -12.76
CA ILE A 192 -12.39 4.50 -12.64
C ILE A 192 -11.27 3.55 -13.14
N ALA A 193 -11.43 2.26 -12.91
CA ALA A 193 -10.47 1.29 -13.40
C ALA A 193 -10.44 1.35 -14.91
N ARG A 194 -11.64 1.38 -15.49
CA ARG A 194 -11.82 1.38 -16.93
C ARG A 194 -11.29 2.68 -17.58
N THR A 195 -11.67 3.82 -17.02
CA THR A 195 -11.21 5.09 -17.57
C THR A 195 -9.70 5.06 -17.56
N THR A 196 -9.15 4.57 -16.44
CA THR A 196 -7.69 4.50 -16.28
C THR A 196 -7.09 3.47 -17.22
N THR A 197 -7.72 2.29 -17.33
CA THR A 197 -7.14 1.27 -18.19
C THR A 197 -7.13 1.73 -19.65
N ASN A 198 -8.29 2.18 -20.12
CA ASN A 198 -8.38 2.73 -21.47
C ASN A 198 -7.50 3.93 -21.78
N ALA A 199 -7.41 4.87 -20.86
CA ALA A 199 -6.52 5.98 -21.12
C ALA A 199 -5.12 5.43 -21.38
N VAL A 200 -4.63 4.62 -20.44
CA VAL A 200 -3.30 4.00 -20.55
C VAL A 200 -3.15 3.26 -21.87
N LEU A 201 -4.15 2.43 -22.19
CA LEU A 201 -4.12 1.70 -23.45
C LEU A 201 -4.06 2.62 -24.66
N SER A 202 -4.81 3.72 -24.64
CA SER A 202 -4.75 4.66 -25.77
C SER A 202 -3.37 5.30 -25.88
N PHE A 203 -2.78 5.66 -24.74
CA PHE A 203 -1.47 6.26 -24.75
C PHE A 203 -0.49 5.33 -25.44
N VAL A 204 -0.37 4.11 -24.92
CA VAL A 204 0.50 3.11 -25.54
C VAL A 204 0.22 2.92 -27.06
N ALA A 205 -1.05 2.89 -27.43
CA ALA A 205 -1.41 2.90 -28.84
C ALA A 205 -0.69 4.04 -29.56
N ALA A 206 -0.82 5.24 -29.00
CA ALA A 206 -0.23 6.41 -29.56
C ALA A 206 1.26 6.23 -29.56
N LEU A 207 1.77 5.56 -28.53
CA LEU A 207 3.21 5.40 -28.43
C LEU A 207 3.73 4.45 -29.51
N ARG A 208 3.00 3.39 -29.80
CA ARG A 208 3.45 2.46 -30.84
C ARG A 208 3.43 3.19 -32.17
N GLN A 209 2.39 3.99 -32.37
CA GLN A 209 2.15 4.64 -33.65
C GLN A 209 3.29 5.56 -33.98
N ALA A 210 3.81 6.23 -32.95
CA ALA A 210 4.87 7.22 -33.13
C ALA A 210 6.23 6.54 -33.11
N GLY A 211 6.26 5.27 -32.75
CA GLY A 211 7.50 4.50 -32.77
C GLY A 211 8.31 4.59 -31.49
N VAL A 212 7.67 5.00 -30.41
CA VAL A 212 8.30 5.05 -29.09
C VAL A 212 8.10 3.71 -28.41
N PRO A 213 9.20 2.92 -28.32
CA PRO A 213 9.07 1.59 -27.71
C PRO A 213 8.67 1.71 -26.26
N CYS A 214 7.64 0.99 -25.88
CA CYS A 214 7.14 0.99 -24.52
C CYS A 214 6.62 -0.40 -24.16
N PRO A 215 7.50 -1.24 -23.62
CA PRO A 215 7.19 -2.65 -23.40
C PRO A 215 6.30 -2.95 -22.20
N GLN A 216 6.25 -2.10 -21.20
CA GLN A 216 5.36 -2.38 -20.08
C GLN A 216 4.31 -1.31 -19.75
N ALA A 217 3.21 -1.76 -19.14
CA ALA A 217 2.11 -0.88 -18.75
C ALA A 217 1.44 -1.36 -17.44
N SER A 218 1.55 -0.50 -16.42
CA SER A 218 1.33 -0.78 -15.00
C SER A 218 0.17 0.09 -14.51
N ILE A 219 -0.84 -0.50 -13.89
CA ILE A 219 -1.74 0.32 -13.06
C ILE A 219 -2.10 -0.42 -11.80
N GLY A 220 -3.04 0.14 -11.06
CA GLY A 220 -3.61 -0.62 -9.96
C GLY A 220 -3.70 0.08 -8.64
N SER A 221 -4.70 -0.33 -7.86
CA SER A 221 -4.91 0.12 -6.51
C SER A 221 -5.70 -1.02 -5.91
N THR A 222 -5.73 -1.12 -4.59
CA THR A 222 -6.45 -2.21 -3.98
C THR A 222 -7.91 -2.26 -4.45
N PRO A 223 -8.60 -1.11 -4.51
CA PRO A 223 -9.97 -1.32 -4.94
C PRO A 223 -10.15 -1.77 -6.41
N SER A 224 -9.39 -1.25 -7.36
CA SER A 224 -9.60 -1.78 -8.72
C SER A 224 -9.10 -3.22 -8.92
N CYS A 225 -8.05 -3.62 -8.18
CA CYS A 225 -7.51 -4.97 -8.28
C CYS A 225 -8.23 -5.97 -7.41
N SER A 226 -9.14 -5.48 -6.57
CA SER A 226 -9.98 -6.36 -5.77
C SER A 226 -11.15 -6.84 -6.62
N HIS A 227 -11.60 -5.99 -7.53
CA HIS A 227 -12.56 -6.34 -8.58
C HIS A 227 -12.03 -6.02 -9.97
N PRO A 228 -11.03 -6.77 -10.40
CA PRO A 228 -10.38 -6.59 -11.69
C PRO A 228 -11.40 -6.61 -12.82
N ILE A 229 -11.08 -5.95 -13.93
CA ILE A 229 -11.94 -5.93 -15.11
C ILE A 229 -11.16 -6.41 -16.30
N PRO A 230 -11.81 -7.12 -17.22
CA PRO A 230 -11.22 -7.80 -18.38
C PRO A 230 -10.21 -6.97 -19.18
N GLU A 231 -10.53 -5.71 -19.45
CA GLU A 231 -9.59 -4.90 -20.19
C GLU A 231 -8.20 -4.95 -19.53
N MET A 232 -8.14 -5.25 -18.24
CA MET A 232 -6.85 -5.21 -17.55
C MET A 232 -5.80 -6.17 -18.08
N SER A 233 -6.25 -7.27 -18.66
CA SER A 233 -5.30 -8.25 -19.14
C SER A 233 -4.53 -7.72 -20.36
N GLN A 234 -4.94 -6.57 -20.87
CA GLN A 234 -4.15 -5.99 -21.95
C GLN A 234 -2.99 -5.18 -21.38
N LEU A 235 -2.86 -5.17 -20.06
CA LEU A 235 -1.72 -4.52 -19.43
C LEU A 235 -0.67 -5.60 -19.20
N THR A 236 0.43 -5.23 -18.57
CA THR A 236 1.54 -6.15 -18.30
C THR A 236 1.72 -6.38 -16.78
N GLU A 237 1.29 -5.41 -15.96
CA GLU A 237 1.48 -5.49 -14.51
C GLU A 237 0.48 -4.63 -13.74
N LEU A 238 0.09 -5.12 -12.57
CA LEU A 238 -0.77 -4.39 -11.63
C LEU A 238 -0.02 -4.27 -10.34
N HIS A 239 -0.10 -3.10 -9.69
CA HIS A 239 0.67 -2.87 -8.47
C HIS A 239 -0.14 -2.40 -7.25
N PRO A 240 -1.13 -3.19 -6.82
CA PRO A 240 -1.75 -2.78 -5.55
C PRO A 240 -0.87 -3.16 -4.35
N GLY A 241 -1.29 -2.83 -3.15
CA GLY A 241 -0.49 -3.22 -2.00
C GLY A 241 -1.33 -3.49 -0.77
N ASN A 242 -2.19 -2.54 -0.44
CA ASN A 242 -2.90 -2.55 0.83
C ASN A 242 -3.72 -3.82 0.99
N TYR A 243 -4.20 -4.36 -0.12
CA TYR A 243 -4.97 -5.61 -0.12
C TYR A 243 -4.40 -6.74 0.71
N ILE A 244 -3.12 -6.72 1.05
CA ILE A 244 -2.60 -7.78 1.88
C ILE A 244 -3.23 -7.68 3.28
N PHE A 245 -3.49 -6.47 3.76
CA PHE A 245 -4.13 -6.31 5.08
C PHE A 245 -5.60 -5.98 4.98
N TYR A 246 -5.93 -5.04 4.11
CA TYR A 246 -7.30 -4.52 4.06
C TYR A 246 -7.63 -3.82 5.38
N ASP A 247 -8.84 -3.24 5.43
CA ASP A 247 -9.18 -2.41 6.56
C ASP A 247 -10.64 -1.98 6.49
N LEU A 248 -11.09 -1.19 7.47
CA LEU A 248 -12.48 -0.76 7.53
C LEU A 248 -12.88 0.00 6.26
N GLN A 249 -12.16 1.05 5.92
CA GLN A 249 -12.43 1.79 4.68
C GLN A 249 -12.59 0.82 3.50
N GLN A 250 -11.67 -0.13 3.37
CA GLN A 250 -11.77 -1.09 2.28
C GLN A 250 -13.08 -1.87 2.41
N THR A 251 -13.49 -2.20 3.63
CA THR A 251 -14.77 -2.88 3.80
C THR A 251 -15.92 -2.00 3.36
N GLN A 252 -15.91 -0.74 3.82
CA GLN A 252 -16.92 0.24 3.42
C GLN A 252 -16.97 0.47 1.90
N LEU A 253 -15.82 0.48 1.23
CA LEU A 253 -15.80 0.65 -0.22
C LEU A 253 -16.31 -0.58 -0.98
N GLY A 254 -16.13 -1.76 -0.41
CA GLY A 254 -16.60 -2.98 -1.06
C GLY A 254 -15.48 -3.80 -1.71
N SER A 255 -14.24 -3.38 -1.51
CA SER A 255 -13.11 -4.15 -2.02
C SER A 255 -13.02 -5.52 -1.38
N CYS A 256 -13.52 -5.63 -0.15
CA CYS A 256 -13.41 -6.88 0.63
C CYS A 256 -14.54 -7.02 1.62
N GLN A 257 -14.72 -8.25 2.10
CA GLN A 257 -15.65 -8.63 3.18
C GLN A 257 -14.84 -8.57 4.47
N PRO A 258 -15.52 -8.43 5.64
CA PRO A 258 -14.82 -8.32 6.94
C PRO A 258 -13.81 -9.44 7.19
N GLN A 259 -14.20 -10.67 6.85
CA GLN A 259 -13.33 -11.86 6.98
C GLN A 259 -11.99 -11.68 6.27
N ASP A 260 -11.85 -10.63 5.46
CA ASP A 260 -10.62 -10.40 4.70
C ASP A 260 -9.62 -9.49 5.42
N VAL A 261 -10.11 -8.69 6.35
CA VAL A 261 -9.29 -7.72 7.04
C VAL A 261 -8.35 -8.40 8.02
N ALA A 262 -7.06 -8.33 7.76
CA ALA A 262 -6.13 -9.13 8.54
C ALA A 262 -5.60 -8.37 9.73
N ILE A 263 -5.80 -7.05 9.71
CA ILE A 263 -5.25 -6.20 10.76
C ILE A 263 -6.25 -5.86 11.89
N ARG A 264 -5.77 -5.86 13.13
CA ARG A 264 -6.53 -5.31 14.27
C ARG A 264 -5.55 -4.56 15.12
N VAL A 265 -6.07 -3.69 15.99
CA VAL A 265 -5.31 -3.17 17.09
C VAL A 265 -5.97 -3.63 18.37
N LEU A 266 -5.32 -4.54 19.09
CA LEU A 266 -5.84 -5.05 20.36
C LEU A 266 -5.70 -3.98 21.41
N THR A 267 -6.76 -3.75 22.17
CA THR A 267 -6.69 -2.77 23.23
C THR A 267 -7.39 -3.33 24.43
N ARG A 268 -7.11 -2.72 25.58
CA ARG A 268 -7.67 -3.18 26.84
C ARG A 268 -8.67 -2.19 27.41
N VAL A 269 -9.66 -2.73 28.12
CA VAL A 269 -10.54 -1.92 28.94
C VAL A 269 -9.84 -1.71 30.27
N ILE A 270 -9.52 -0.46 30.56
CA ILE A 270 -8.71 -0.11 31.72
C ILE A 270 -9.49 0.75 32.72
N GLY A 271 -10.73 1.09 32.35
CA GLY A 271 -11.62 1.80 33.26
C GLY A 271 -13.05 1.93 32.78
N HIS A 272 -13.99 1.91 33.73
CA HIS A 272 -15.42 2.20 33.47
C HIS A 272 -15.82 3.60 33.96
N TYR A 273 -16.76 4.24 33.25
CA TYR A 273 -17.17 5.59 33.65
C TYR A 273 -18.68 5.81 33.69
N ALA A 274 -19.34 5.17 34.65
CA ALA A 274 -20.82 5.09 34.67
C ALA A 274 -21.51 6.45 34.57
N HIS A 275 -20.88 7.47 35.15
CA HIS A 275 -21.45 8.83 35.18
C HIS A 275 -21.40 9.55 33.82
N ARG A 276 -20.84 8.86 32.82
CA ARG A 276 -20.83 9.38 31.44
C ARG A 276 -21.09 8.24 30.47
N GLY A 277 -21.39 7.05 31.02
CA GLY A 277 -21.71 5.85 30.25
C GLY A 277 -20.61 5.30 29.35
N GLN A 278 -19.34 5.57 29.68
CA GLN A 278 -18.21 5.27 28.79
C GLN A 278 -17.18 4.24 29.27
N LEU A 279 -16.70 3.44 28.34
CA LEU A 279 -15.55 2.55 28.52
C LEU A 279 -14.23 3.29 28.26
N LEU A 280 -13.19 2.97 29.01
CA LEU A 280 -11.92 3.60 28.73
C LEU A 280 -10.94 2.53 28.25
N VAL A 281 -10.29 2.80 27.12
CA VAL A 281 -9.37 1.83 26.51
C VAL A 281 -7.98 2.43 26.34
N ASP A 282 -6.96 1.58 26.47
CA ASP A 282 -5.59 2.04 26.32
C ASP A 282 -5.17 2.18 24.87
N CYS A 283 -6.12 2.37 23.96
CA CYS A 283 -5.74 2.73 22.62
C CYS A 283 -6.16 4.14 22.22
N GLY A 284 -5.18 5.03 22.24
CA GLY A 284 -5.36 6.39 21.77
C GLY A 284 -4.88 6.49 20.34
N TRP A 285 -4.56 7.69 19.90
CA TRP A 285 -4.28 7.82 18.50
C TRP A 285 -2.83 7.55 18.22
N ALA A 286 -2.00 7.54 19.24
CA ALA A 286 -0.59 7.09 19.04
C ALA A 286 -0.59 5.69 18.46
N ALA A 287 -1.66 4.94 18.74
CA ALA A 287 -1.70 3.55 18.34
C ALA A 287 -2.62 3.29 17.14
N LEU A 288 -3.36 4.31 16.72
CA LEU A 288 -4.43 4.08 15.78
C LEU A 288 -4.37 5.07 14.64
N SER A 289 -3.99 6.30 14.97
CA SER A 289 -3.98 7.42 14.03
C SER A 289 -5.38 8.00 13.88
N LEU A 290 -5.45 9.23 13.37
CA LEU A 290 -6.70 9.97 13.24
C LEU A 290 -7.40 9.74 11.91
N HIS A 291 -6.98 8.72 11.17
CA HIS A 291 -7.58 8.48 9.89
C HIS A 291 -9.01 8.02 10.02
N GLY A 292 -9.85 8.56 9.13
CA GLY A 292 -11.26 8.22 9.15
C GLY A 292 -12.06 9.12 10.09
N ALA A 293 -11.44 10.22 10.50
CA ALA A 293 -12.12 11.15 11.39
C ALA A 293 -12.62 12.38 10.62
N GLY A 294 -11.74 12.99 9.83
CA GLY A 294 -12.10 14.19 9.06
C GLY A 294 -12.96 13.95 7.82
N GLY A 298 -16.04 13.07 12.86
CA GLY A 298 -15.43 12.82 14.17
C GLY A 298 -14.94 11.38 14.32
N PRO A 299 -14.39 11.06 15.51
CA PRO A 299 -13.68 9.81 15.85
C PRO A 299 -14.48 8.53 15.68
N GLN A 300 -15.80 8.60 15.71
CA GLN A 300 -16.64 7.42 15.48
C GLN A 300 -16.06 6.49 14.39
N GLY A 301 -15.50 7.08 13.32
CA GLY A 301 -15.09 6.29 12.14
C GLY A 301 -13.60 6.02 11.96
N CYS A 302 -12.82 6.12 13.02
CA CYS A 302 -11.41 5.76 12.97
C CYS A 302 -11.27 4.26 13.08
N ALA A 303 -12.32 3.61 13.61
CA ALA A 303 -12.26 2.19 13.89
C ALA A 303 -13.58 1.59 14.37
N ALA A 304 -13.71 0.28 14.22
CA ALA A 304 -14.87 -0.44 14.66
C ALA A 304 -14.41 -1.43 15.74
N ILE A 305 -15.28 -1.70 16.72
CA ILE A 305 -14.98 -2.73 17.70
C ILE A 305 -15.41 -4.07 17.12
N ASP A 306 -14.44 -4.89 16.73
CA ASP A 306 -14.71 -6.18 16.11
C ASP A 306 -15.56 -7.03 17.04
N GLY A 307 -16.60 -7.66 16.47
CA GLY A 307 -17.54 -8.46 17.25
C GLY A 307 -18.52 -7.63 18.08
N HIS A 308 -18.60 -6.32 17.87
CA HIS A 308 -19.44 -5.48 18.73
C HIS A 308 -19.99 -4.24 18.03
N PRO A 309 -20.93 -4.43 17.12
CA PRO A 309 -21.57 -3.28 16.49
C PRO A 309 -22.09 -2.31 17.55
N GLU A 310 -22.32 -2.82 18.77
CA GLU A 310 -22.91 -2.00 19.85
C GLU A 310 -22.10 -0.76 20.21
N LEU A 311 -20.77 -0.92 20.25
CA LEU A 311 -19.87 0.13 20.75
C LEU A 311 -19.30 0.97 19.62
N ARG A 312 -19.02 2.23 19.91
CA ARG A 312 -18.37 3.06 18.91
C ARG A 312 -17.36 3.98 19.57
N LEU A 313 -16.29 4.30 18.86
CA LEU A 313 -15.25 5.15 19.41
C LEU A 313 -15.74 6.58 19.45
N VAL A 314 -15.61 7.27 20.56
CA VAL A 314 -16.17 8.61 20.63
C VAL A 314 -15.16 9.64 21.07
N GLY A 315 -13.97 9.19 21.42
CA GLY A 315 -12.90 10.11 21.76
C GLY A 315 -11.55 9.45 21.62
N LEU A 316 -10.56 10.24 21.21
CA LEU A 316 -9.19 9.74 21.16
C LEU A 316 -8.18 10.79 21.60
N THR A 317 -7.54 10.55 22.74
CA THR A 317 -6.38 11.33 23.06
C THR A 317 -5.18 10.52 22.64
N GLN A 318 -3.99 11.05 22.87
CA GLN A 318 -2.78 10.37 22.46
C GLN A 318 -2.78 8.90 22.90
N GLU A 319 -3.05 8.65 24.17
CA GLU A 319 -2.92 7.29 24.66
C GLU A 319 -4.20 6.66 25.21
N HIS A 320 -5.34 7.26 24.89
CA HIS A 320 -6.66 6.80 25.37
C HIS A 320 -7.73 6.87 24.29
N GLY A 321 -8.69 5.97 24.38
CA GLY A 321 -9.91 6.11 23.62
C GLY A 321 -11.11 5.91 24.55
N LEU A 322 -12.21 6.60 24.26
CA LEU A 322 -13.46 6.41 25.00
C LEU A 322 -14.50 5.67 24.16
N LEU A 323 -15.09 4.62 24.74
CA LEU A 323 -16.15 3.85 24.07
C LEU A 323 -17.54 4.07 24.67
N GLU A 324 -18.55 4.08 23.80
CA GLU A 324 -19.94 4.21 24.23
C GLU A 324 -20.85 3.12 23.63
N HIS A 325 -22.05 2.96 24.19
CA HIS A 325 -23.01 1.98 23.68
C HIS A 325 -24.13 2.61 22.84
N GLN A 329 -27.36 3.50 26.45
CA GLN A 329 -26.99 3.01 27.78
C GLN A 329 -26.15 1.72 27.75
N MET A 330 -25.10 1.70 28.56
CA MET A 330 -24.02 0.70 28.49
C MET A 330 -24.31 -0.70 29.08
N ASP A 331 -23.25 -1.47 29.31
CA ASP A 331 -23.30 -2.77 30.00
C ASP A 331 -21.92 -3.18 30.49
N PHE A 332 -21.48 -2.55 31.57
CA PHE A 332 -20.13 -2.71 32.08
C PHE A 332 -19.82 -4.10 32.62
N GLY A 333 -20.80 -4.99 32.68
CA GLY A 333 -20.55 -6.31 33.22
C GLY A 333 -19.96 -7.15 32.12
N ARG A 334 -20.40 -6.89 30.89
CA ARG A 334 -19.92 -7.62 29.72
C ARG A 334 -18.48 -7.23 29.39
N PHE A 335 -17.99 -6.19 30.06
CA PHE A 335 -16.70 -5.61 29.73
C PHE A 335 -15.81 -5.34 30.96
N PRO A 336 -15.49 -6.41 31.69
CA PRO A 336 -14.66 -6.22 32.88
C PRO A 336 -13.32 -5.58 32.52
N VAL A 337 -12.82 -4.72 33.42
CA VAL A 337 -11.48 -4.17 33.28
C VAL A 337 -10.47 -5.28 33.09
N GLY A 338 -9.67 -5.20 32.03
CA GLY A 338 -8.67 -6.23 31.72
C GLY A 338 -9.07 -7.05 30.50
N SER A 339 -10.34 -6.98 30.12
CA SER A 339 -10.80 -7.67 28.94
C SER A 339 -10.30 -6.94 27.70
N VAL A 340 -10.00 -7.71 26.67
CA VAL A 340 -9.36 -7.19 25.48
C VAL A 340 -10.37 -7.02 24.36
N LEU A 341 -10.40 -5.86 23.74
CA LEU A 341 -11.18 -5.68 22.52
C LEU A 341 -10.27 -5.59 21.33
N ALA A 342 -10.82 -5.77 20.14
CA ALA A 342 -10.02 -5.79 18.92
C ALA A 342 -10.52 -4.72 17.97
N LEU A 343 -9.77 -3.63 17.84
CA LEU A 343 -10.21 -2.55 16.98
C LEU A 343 -9.89 -2.80 15.51
N ILE A 344 -10.88 -2.53 14.65
CA ILE A 344 -10.69 -2.63 13.22
C ILE A 344 -10.41 -1.24 12.73
N PRO A 345 -9.17 -0.97 12.31
CA PRO A 345 -8.81 0.39 11.93
C PRO A 345 -9.33 0.76 10.56
N TYR A 346 -9.54 2.06 10.35
CA TYR A 346 -10.03 2.60 9.09
C TYR A 346 -8.99 2.39 7.98
N HIS A 347 -7.83 3.03 8.12
CA HIS A 347 -6.83 3.00 7.06
C HIS A 347 -5.58 2.18 7.45
N ALA A 348 -5.52 0.93 7.02
CA ALA A 348 -4.39 0.07 7.37
C ALA A 348 -3.04 0.72 7.24
N CYS A 349 -2.72 1.35 6.10
CA CYS A 349 -1.39 1.94 5.96
C CYS A 349 -1.07 2.89 7.12
N ALA A 350 -2.05 3.66 7.56
CA ALA A 350 -1.80 4.65 8.61
C ALA A 350 -1.60 4.08 10.02
N THR A 351 -2.43 3.12 10.41
CA THR A 351 -2.26 2.50 11.71
C THR A 351 -0.87 1.84 11.74
N ALA A 352 -0.52 1.23 10.61
CA ALA A 352 0.68 0.42 10.53
C ALA A 352 1.89 1.28 10.84
N ALA A 353 1.84 2.53 10.40
CA ALA A 353 2.95 3.45 10.60
C ALA A 353 3.11 3.91 12.04
N MET A 354 2.20 3.52 12.91
CA MET A 354 2.35 3.96 14.27
C MET A 354 2.99 2.87 15.10
N HIS A 355 3.29 1.73 14.51
CA HIS A 355 3.79 0.56 15.25
C HIS A 355 5.19 0.06 14.87
N PRO A 356 6.05 -0.13 15.88
CA PRO A 356 7.41 -0.60 15.64
C PRO A 356 7.45 -2.11 15.63
N VAL A 357 6.37 -2.74 16.07
CA VAL A 357 6.25 -4.19 15.85
C VAL A 357 4.81 -4.62 15.54
N TYR A 358 4.68 -5.64 14.71
CA TYR A 358 3.39 -6.24 14.44
C TYR A 358 3.40 -7.63 15.01
N TYR A 359 2.40 -7.94 15.82
CA TYR A 359 2.23 -9.30 16.31
C TYR A 359 1.45 -10.15 15.30
N VAL A 360 2.16 -11.07 14.67
CA VAL A 360 1.58 -11.88 13.63
C VAL A 360 1.20 -13.22 14.24
N HIS A 361 0.04 -13.77 13.87
CA HIS A 361 -0.52 -14.90 14.61
C HIS A 361 -1.30 -15.91 13.77
N GLU A 362 -1.52 -17.08 14.36
CA GLU A 362 -2.33 -18.15 13.76
C GLU A 362 -3.08 -18.89 14.85
N GLU A 363 -4.40 -19.04 14.68
CA GLU A 363 -5.18 -19.81 15.66
C GLU A 363 -5.06 -19.18 17.03
N GLY A 364 -5.25 -17.86 17.10
CA GLY A 364 -5.05 -17.17 18.37
C GLY A 364 -3.63 -17.06 18.92
N LYS A 365 -2.67 -17.83 18.43
CA LYS A 365 -1.31 -17.80 19.02
C LYS A 365 -0.27 -17.02 18.21
N VAL A 366 0.59 -16.29 18.89
CA VAL A 366 1.55 -15.48 18.16
C VAL A 366 2.63 -16.33 17.49
N VAL A 367 2.84 -16.05 16.21
CA VAL A 367 3.71 -16.88 15.36
C VAL A 367 4.95 -16.13 14.89
N ALA A 368 4.86 -14.82 14.82
CA ALA A 368 6.02 -14.03 14.47
C ALA A 368 5.89 -12.57 14.89
N LEU A 369 7.02 -11.86 14.78
CA LEU A 369 7.07 -10.41 14.92
C LEU A 369 7.77 -9.78 13.72
N TRP A 370 7.04 -8.99 12.94
CA TRP A 370 7.62 -8.18 11.85
C TRP A 370 8.01 -6.79 12.31
N HIS A 371 9.19 -6.32 11.91
CA HIS A 371 9.59 -4.95 12.26
C HIS A 371 9.71 -4.04 11.03
N PRO A 372 8.80 -3.07 10.88
CA PRO A 372 8.84 -2.19 9.70
C PRO A 372 9.92 -1.14 9.81
N VAL A 373 10.41 -0.70 8.67
CA VAL A 373 11.30 0.44 8.60
C VAL A 373 10.43 1.70 8.68
N ARG A 374 11.04 2.86 8.83
CA ARG A 374 10.28 4.10 8.73
C ARG A 374 11.23 5.22 8.40
N GLY A 375 10.68 6.41 8.25
CA GLY A 375 11.50 7.56 7.93
C GLY A 375 11.70 7.74 6.43
N TRP A 376 12.78 8.46 6.08
CA TRP A 376 13.00 8.93 4.71
C TRP A 376 14.46 8.80 4.29
N1 PLP B . 1.05 3.32 -6.49
C2 PLP B . 1.44 4.39 -5.68
C2A PLP B . 2.17 5.55 -6.31
C3 PLP B . 1.15 4.38 -4.30
O3 PLP B . 1.53 5.42 -3.50
C4 PLP B . 0.49 3.29 -3.73
C4A PLP B . 0.17 3.25 -2.26
C5 PLP B . 0.09 2.22 -4.52
C6 PLP B . 0.38 2.24 -5.90
C5A PLP B . -0.64 1.06 -3.88
O4P PLP B . -2.04 1.19 -4.02
P PLP B . -3.10 0.77 -2.86
O1P PLP B . -3.11 -0.73 -2.58
O2P PLP B . -4.50 1.15 -3.30
O3P PLP B . -2.66 1.50 -1.61
#